data_6JXF
#
_entry.id   6JXF
#
_cell.length_a   161.711
_cell.length_b   161.711
_cell.length_c   161.711
_cell.angle_alpha   90.000
_cell.angle_beta   90.000
_cell.angle_gamma   90.000
#
_symmetry.space_group_name_H-M   'I 21 3'
#
loop_
_entity.id
_entity.type
_entity.pdbx_description
1 polymer 'Green fluorescent protein'
2 non-polymer 'PHOSPHATE ION'
3 non-polymer GLYCEROL
4 non-polymer 'CHLORIDE ION'
5 water water
#
_entity_poly.entity_id   1
_entity_poly.type   'polypeptide(L)'
_entity_poly.pdbx_seq_one_letter_code
;MRGSHHHHHHGMASMTGGQQMGRDLYDDDDKDPTMVSKGEEASGRALFQYPMTSKIELNGEINGKKFKVAGEGFTPSSGR
FNMHAYCTTGDLPMSWVVIASPL(QYG)FHMFAHYPEDITHFFQECFPGSYTLDRTLRMEGDGTLTTHHEYSLEDGCVTS
KTTLNASGFDPKGATMTKSFVKQLPNEVKITPHGPNGIRLTSTVLYLKEDGTIQIGTQDCIVTPVGGRKVTQPKAHFLHT
QIIQKKDPNDTRDHIVQTELAVAGNLWHGMDELYK
;
_entity_poly.pdbx_strand_id   A
#
loop_
_chem_comp.id
_chem_comp.type
_chem_comp.name
_chem_comp.formula
CL non-polymer 'CHLORIDE ION' 'Cl -1'
GOL non-polymer GLYCEROL 'C3 H8 O3'
PO4 non-polymer 'PHOSPHATE ION' 'O4 P -3'
#
# COMPACT_ATOMS: atom_id res chain seq x y z
N ALA A 42 -23.33 -12.88 2.82
CA ALA A 42 -22.66 -11.76 1.91
C ALA A 42 -21.21 -11.80 2.16
N SER A 43 -20.44 -12.13 1.13
CA SER A 43 -19.03 -12.23 1.39
C SER A 43 -18.24 -11.95 0.14
N GLY A 44 -16.92 -11.79 0.33
CA GLY A 44 -16.08 -11.59 -0.83
C GLY A 44 -16.46 -10.37 -1.61
N ARG A 45 -16.50 -10.50 -2.93
CA ARG A 45 -16.75 -9.42 -3.83
C ARG A 45 -18.09 -8.77 -3.59
N ALA A 46 -19.05 -9.52 -3.05
CA ALA A 46 -20.37 -8.93 -2.70
C ALA A 46 -20.27 -7.90 -1.65
N LEU A 47 -19.25 -7.87 -0.80
CA LEU A 47 -19.12 -6.87 0.19
C LEU A 47 -18.52 -5.54 -0.36
N PHE A 48 -18.03 -5.59 -1.60
CA PHE A 48 -17.29 -4.44 -2.18
C PHE A 48 -18.13 -3.91 -3.32
N GLN A 49 -19.23 -3.30 -2.95
CA GLN A 49 -20.13 -2.67 -3.93
C GLN A 49 -19.80 -1.15 -3.78
N TYR A 50 -19.56 -0.51 -4.91
CA TYR A 50 -18.98 0.86 -4.90
C TYR A 50 -20.16 1.88 -5.08
N PRO A 51 -20.01 3.08 -4.60
CA PRO A 51 -18.83 3.69 -3.97
C PRO A 51 -18.67 3.25 -2.57
N MET A 52 -17.43 3.29 -2.04
CA MET A 52 -17.03 3.04 -0.72
C MET A 52 -16.07 4.14 -0.24
N THR A 53 -15.74 4.12 1.01
CA THR A 53 -14.81 4.98 1.66
C THR A 53 -13.70 4.27 2.43
N SER A 54 -12.75 5.07 2.93
CA SER A 54 -11.70 4.59 3.74
C SER A 54 -11.32 5.52 4.78
N LYS A 55 -10.73 5.01 5.82
CA LYS A 55 -10.01 5.73 6.85
C LYS A 55 -8.72 5.13 7.16
N ILE A 56 -7.75 5.91 7.55
CA ILE A 56 -6.51 5.43 8.04
C ILE A 56 -6.10 6.07 9.33
N GLU A 57 -5.54 5.25 10.21
CA GLU A 57 -4.76 5.71 11.34
C GLU A 57 -3.42 5.07 11.32
N LEU A 58 -2.38 5.84 11.24
CA LEU A 58 -1.01 5.37 11.09
C LEU A 58 -0.16 5.93 12.18
N ASN A 59 0.46 5.05 12.97
CA ASN A 59 1.45 5.48 13.98
C ASN A 59 2.80 5.09 13.53
N GLY A 60 3.67 6.06 13.44
CA GLY A 60 4.97 5.87 12.88
C GLY A 60 6.11 6.35 13.66
N GLU A 61 7.27 5.84 13.31
CA GLU A 61 8.50 6.33 13.85
C GLU A 61 9.59 6.15 12.80
N ILE A 62 10.35 7.22 12.55
CA ILE A 62 11.51 7.13 11.70
C ILE A 62 12.71 7.75 12.28
N ASN A 63 13.78 6.94 12.41
CA ASN A 63 15.05 7.39 13.05
C ASN A 63 14.73 8.00 14.44
N GLY A 64 13.81 7.37 15.15
CA GLY A 64 13.42 7.82 16.50
C GLY A 64 12.43 9.02 16.46
N LYS A 65 12.04 9.57 15.33
CA LYS A 65 11.02 10.65 15.32
C LYS A 65 9.63 10.02 15.20
N LYS A 66 8.82 10.17 16.22
CA LYS A 66 7.52 9.62 16.25
C LYS A 66 6.54 10.55 15.62
N PHE A 67 5.57 9.99 14.89
CA PHE A 67 4.59 10.79 14.21
C PHE A 67 3.32 10.02 14.07
N LYS A 68 2.21 10.71 13.77
CA LYS A 68 0.94 10.07 13.45
C LYS A 68 0.31 10.67 12.22
N VAL A 69 -0.35 9.86 11.43
CA VAL A 69 -1.08 10.30 10.27
C VAL A 69 -2.45 9.78 10.41
N ALA A 70 -3.40 10.56 9.94
CA ALA A 70 -4.74 10.10 9.74
C ALA A 70 -5.23 10.51 8.40
N GLY A 71 -6.32 9.93 7.98
CA GLY A 71 -6.90 10.25 6.66
C GLY A 71 -8.26 9.69 6.42
N GLU A 72 -8.95 10.26 5.44
CA GLU A 72 -10.18 9.77 4.87
C GLU A 72 -10.08 9.73 3.42
N GLY A 73 -10.71 8.74 2.81
CA GLY A 73 -10.73 8.58 1.40
C GLY A 73 -11.93 8.02 0.76
N PHE A 74 -11.96 8.10 -0.54
CA PHE A 74 -13.08 7.77 -1.36
C PHE A 74 -12.67 6.71 -2.37
N THR A 75 -13.51 5.73 -2.56
CA THR A 75 -13.35 4.75 -3.63
C THR A 75 -14.57 4.80 -4.51
N PRO A 76 -14.50 5.58 -5.60
CA PRO A 76 -15.68 5.70 -6.43
C PRO A 76 -16.09 4.50 -7.17
N SER A 77 -15.13 3.63 -7.55
CA SER A 77 -15.42 2.58 -8.48
C SER A 77 -14.17 1.61 -8.33
N SER A 78 -14.36 0.45 -8.88
CA SER A 78 -13.31 -0.64 -8.72
C SER A 78 -12.01 -0.20 -9.30
N GLY A 79 -10.96 -0.30 -8.52
CA GLY A 79 -9.61 -0.02 -8.96
C GLY A 79 -9.12 1.42 -8.91
N ARG A 80 -10.06 2.31 -8.48
CA ARG A 80 -9.69 3.75 -8.35
C ARG A 80 -10.02 4.20 -6.94
N PHE A 81 -9.01 4.57 -6.19
CA PHE A 81 -9.22 4.78 -4.76
C PHE A 81 -8.35 5.91 -4.32
N ASN A 82 -8.93 6.87 -3.61
CA ASN A 82 -8.16 7.98 -3.07
C ASN A 82 -8.11 8.06 -1.58
N MET A 83 -7.14 8.85 -1.10
CA MET A 83 -6.88 9.08 0.30
C MET A 83 -6.32 10.47 0.55
N HIS A 84 -7.05 11.24 1.35
CA HIS A 84 -6.53 12.56 1.80
C HIS A 84 -6.08 12.40 3.22
N ALA A 85 -4.76 12.29 3.38
CA ALA A 85 -4.08 12.04 4.65
C ALA A 85 -3.37 13.26 5.13
N TYR A 86 -3.15 13.33 6.40
CA TYR A 86 -2.47 14.43 7.07
C TYR A 86 -1.80 13.99 8.30
N CYS A 87 -0.74 14.72 8.61
CA CYS A 87 0.04 14.47 9.80
C CYS A 87 -0.57 15.24 10.97
N THR A 88 -0.93 14.52 11.97
CA THR A 88 -1.69 15.09 13.20
C THR A 88 -0.68 15.54 14.23
N THR A 89 0.61 15.27 14.09
CA THR A 89 1.63 15.61 15.08
C THR A 89 2.44 16.77 14.64
N GLY A 90 2.26 17.37 13.49
CA GLY A 90 3.10 18.44 13.01
C GLY A 90 3.39 18.20 11.57
N ASP A 91 4.61 18.46 11.17
CA ASP A 91 5.01 18.11 9.79
C ASP A 91 5.38 16.63 9.80
N LEU A 92 5.15 16.01 8.66
CA LEU A 92 5.54 14.60 8.53
C LEU A 92 7.10 14.54 8.44
N PRO A 93 7.79 13.68 9.20
CA PRO A 93 9.26 13.75 9.21
C PRO A 93 9.95 12.90 8.14
N MET A 94 9.21 12.60 7.08
CA MET A 94 9.76 11.87 5.96
C MET A 94 9.01 12.25 4.70
N SER A 95 9.51 11.82 3.56
CA SER A 95 8.85 12.04 2.25
C SER A 95 7.45 11.45 2.18
N TRP A 96 6.51 12.24 1.73
CA TRP A 96 5.18 11.71 1.40
C TRP A 96 5.13 10.74 0.24
N VAL A 97 6.17 10.83 -0.58
CA VAL A 97 6.26 9.86 -1.66
C VAL A 97 6.65 8.45 -1.14
N VAL A 98 7.52 8.36 -0.16
CA VAL A 98 7.91 7.07 0.42
C VAL A 98 6.80 6.49 1.26
N ILE A 99 6.02 7.34 1.95
CA ILE A 99 4.89 6.87 2.69
C ILE A 99 3.67 6.53 1.86
N ALA A 100 3.71 6.73 0.55
CA ALA A 100 2.59 6.46 -0.32
C ALA A 100 2.06 5.06 -0.21
N SER A 101 3.02 4.09 -0.30
CA SER A 101 2.55 2.72 -0.32
C SER A 101 2.05 2.22 1.08
N PRO A 102 2.66 2.69 2.18
CA PRO A 102 2.00 2.48 3.48
C PRO A 102 0.58 3.03 3.51
N LEU A 103 0.36 4.16 2.85
CA LEU A 103 -1.02 4.77 2.96
C LEU A 103 -1.92 3.94 2.14
C3 QYG A 104 -3.50 -0.24 1.57
O3 QYG A 104 -4.11 -0.42 2.74
CA3 QYG A 104 -2.09 0.10 1.62
N3 QYG A 104 -1.57 0.34 0.30
N3 QYG A 104 -1.50 0.34 0.29
C1 QYG A 104 -1.78 1.39 -0.60
C1 QYG A 104 -1.73 1.39 -0.53
CA1 QYG A 104 -2.56 2.52 -0.08
CB1 QYG A 104 -2.93 3.55 -1.17
CG1 QYG A 104 -3.78 4.72 -0.64
CD3 QYG A 104 -4.36 5.49 -1.86
N1 QYG A 104 -1.68 3.28 0.78
C2 QYG A 104 -0.56 -0.40 -0.22
C2 QYG A 104 -0.62 -0.42 -0.38
O2 QYG A 104 -0.06 -1.35 0.40
O2 QYG A 104 -0.17 -1.49 0.14
CA2 QYG A 104 -0.10 0.26 -1.46
CA2 QYG A 104 -0.25 0.22 -1.67
N2 QYG A 104 -0.90 1.40 -1.69
N2 QYG A 104 -0.99 1.36 -1.68
CB2 QYG A 104 0.86 -0.40 -2.19
CB2 QYG A 104 0.57 -0.05 -2.88
CG2 QYG A 104 1.50 -0.06 -3.42
CG2 QYG A 104 1.52 -1.16 -3.08
CD2 QYG A 104 1.44 1.19 -3.95
CD2 QYG A 104 1.65 -2.19 -2.16
CE2 QYG A 104 2.16 1.46 -5.12
CE2 QYG A 104 2.63 -3.19 -2.36
CZ QYG A 104 3.04 0.51 -5.62
CZ QYG A 104 3.49 -3.15 -3.45
OH QYG A 104 3.77 0.79 -6.74
OH QYG A 104 4.43 -4.10 -3.64
CE1 QYG A 104 3.19 -0.73 -4.97
CE1 QYG A 104 3.38 -2.08 -4.34
CD1 QYG A 104 2.49 -0.98 -3.81
CD1 QYG A 104 2.42 -1.10 -4.14
NE1 QYG A 104 -5.63 5.52 -1.97
OE1 QYG A 104 -3.61 5.99 -2.69
N PHE A 105 -4.38 -0.45 0.46
CA PHE A 105 -5.79 -0.80 0.49
C PHE A 105 -6.04 -1.68 -0.69
N HIS A 106 -5.34 -2.91 -0.73
CA HIS A 106 -5.49 -3.73 -1.93
C HIS A 106 -6.81 -4.31 -2.18
N MET A 107 -7.69 -4.31 -1.17
CA MET A 107 -9.02 -4.75 -1.38
C MET A 107 -9.81 -3.90 -2.42
N PHE A 108 -9.31 -2.67 -2.66
CA PHE A 108 -9.94 -1.84 -3.67
C PHE A 108 -9.43 -2.02 -5.07
N ALA A 109 -8.39 -2.90 -5.24
CA ALA A 109 -7.96 -3.17 -6.57
C ALA A 109 -8.98 -3.76 -7.45
N HIS A 110 -8.90 -3.49 -8.76
CA HIS A 110 -9.88 -4.03 -9.68
C HIS A 110 -9.37 -5.37 -10.27
N TYR A 111 -10.14 -6.40 -10.03
CA TYR A 111 -9.81 -7.75 -10.53
C TYR A 111 -10.76 -8.19 -11.55
N PRO A 112 -10.26 -8.78 -12.59
CA PRO A 112 -11.16 -9.51 -13.52
C PRO A 112 -11.79 -10.69 -12.87
N GLU A 113 -12.87 -11.11 -13.46
CA GLU A 113 -13.60 -12.31 -12.94
C GLU A 113 -12.80 -13.59 -12.87
N ASP A 114 -11.86 -13.75 -13.78
CA ASP A 114 -11.15 -15.02 -13.88
C ASP A 114 -9.91 -15.06 -12.99
N ILE A 115 -9.65 -14.09 -12.10
CA ILE A 115 -8.64 -14.22 -11.06
C ILE A 115 -9.25 -13.99 -9.70
N THR A 116 -8.95 -14.85 -8.77
CA THR A 116 -9.47 -14.66 -7.42
C THR A 116 -8.94 -13.34 -6.79
N HIS A 117 -9.89 -12.58 -6.20
CA HIS A 117 -9.49 -11.32 -5.54
C HIS A 117 -9.25 -11.68 -4.09
N PHE A 118 -8.03 -12.09 -3.75
CA PHE A 118 -7.81 -12.71 -2.43
C PHE A 118 -8.15 -11.73 -1.32
N PHE A 119 -7.82 -10.43 -1.54
CA PHE A 119 -8.02 -9.44 -0.56
C PHE A 119 -9.48 -9.24 -0.24
N GLN A 120 -10.36 -9.23 -1.21
CA GLN A 120 -11.77 -9.12 -0.96
C GLN A 120 -12.34 -10.44 -0.38
N GLU A 121 -11.79 -11.53 -0.85
CA GLU A 121 -12.34 -12.87 -0.40
C GLU A 121 -11.98 -13.09 1.04
N CYS A 122 -11.01 -12.39 1.62
CA CYS A 122 -10.78 -12.44 3.06
C CYS A 122 -11.91 -11.87 3.95
N PHE A 123 -12.86 -11.19 3.33
CA PHE A 123 -13.99 -10.60 4.13
C PHE A 123 -15.17 -11.52 3.96
N PRO A 124 -15.86 -11.79 5.04
CA PRO A 124 -15.62 -11.30 6.35
C PRO A 124 -14.50 -12.12 7.00
N GLY A 125 -13.83 -11.43 7.87
CA GLY A 125 -12.73 -11.95 8.67
C GLY A 125 -11.51 -11.07 8.63
N SER A 126 -11.28 -10.51 7.40
CA SER A 126 -10.16 -9.61 7.23
C SER A 126 -8.79 -10.29 7.04
N TYR A 127 -7.72 -9.49 6.93
CA TYR A 127 -6.32 -9.87 6.72
C TYR A 127 -5.44 -8.90 7.32
N THR A 128 -4.22 -9.32 7.56
CA THR A 128 -3.10 -8.47 7.92
C THR A 128 -2.15 -8.32 6.69
N LEU A 129 -1.51 -7.18 6.63
CA LEU A 129 -0.42 -6.94 5.68
C LEU A 129 0.76 -6.58 6.36
N ASP A 130 1.89 -7.27 6.07
CA ASP A 130 3.16 -6.93 6.61
C ASP A 130 4.13 -6.63 5.47
N ARG A 131 4.71 -5.47 5.51
CA ARG A 131 5.59 -4.91 4.46
C ARG A 131 6.93 -4.66 4.93
N THR A 132 7.92 -4.90 4.03
CA THR A 132 9.25 -4.40 4.19
C THR A 132 9.60 -3.57 2.92
N LEU A 133 10.09 -2.38 3.08
CA LEU A 133 10.48 -1.50 2.01
C LEU A 133 11.84 -1.05 2.20
N ARG A 134 12.73 -1.61 1.38
CA ARG A 134 14.15 -1.23 1.48
C ARG A 134 14.50 -0.17 0.45
N MET A 135 14.77 1.04 0.90
CA MET A 135 15.17 2.12 0.04
C MET A 135 16.71 1.92 -0.13
N GLU A 136 17.09 1.38 -1.25
N GLU A 136 17.12 1.43 -1.27
CA GLU A 136 18.42 0.82 -1.41
CA GLU A 136 18.50 0.92 -1.37
C GLU A 136 19.49 1.93 -1.30
C GLU A 136 19.47 2.06 -1.17
N GLY A 137 20.44 1.74 -0.40
CA GLY A 137 21.48 2.70 -0.04
C GLY A 137 20.98 3.77 0.91
N ASP A 138 19.74 3.67 1.46
N ASP A 138 19.87 3.48 1.53
CA ASP A 138 19.03 4.79 2.24
CA ASP A 138 19.45 4.27 2.60
C ASP A 138 18.57 4.23 3.64
C ASP A 138 18.79 3.21 3.44
N GLY A 139 17.57 3.41 3.82
CA GLY A 139 17.16 2.79 5.03
C GLY A 139 16.09 1.79 4.67
N THR A 140 15.58 1.05 5.65
CA THR A 140 14.53 0.09 5.43
C THR A 140 13.42 0.45 6.40
N LEU A 141 12.19 0.43 5.94
CA LEU A 141 11.04 0.54 6.81
C LEU A 141 10.13 -0.65 6.74
N THR A 142 9.39 -0.91 7.83
CA THR A 142 8.41 -1.90 7.85
C THR A 142 7.07 -1.28 8.25
N THR A 143 6.04 -1.91 7.75
CA THR A 143 4.68 -1.58 8.16
C THR A 143 3.89 -2.78 8.44
N HIS A 144 2.90 -2.62 9.36
CA HIS A 144 1.91 -3.64 9.63
C HIS A 144 0.53 -3.05 9.62
N HIS A 145 -0.34 -3.63 8.87
CA HIS A 145 -1.66 -3.19 8.66
C HIS A 145 -2.69 -4.14 9.12
N GLU A 146 -3.70 -3.59 9.85
CA GLU A 146 -4.96 -4.33 10.10
C GLU A 146 -6.15 -3.58 9.57
N TYR A 147 -7.13 -4.26 9.14
CA TYR A 147 -8.26 -3.68 8.48
C TYR A 147 -9.57 -4.10 9.11
N SER A 148 -10.53 -3.21 9.03
CA SER A 148 -11.92 -3.62 9.30
C SER A 148 -12.88 -2.94 8.40
N LEU A 149 -13.94 -3.59 8.06
CA LEU A 149 -14.94 -3.09 7.14
C LEU A 149 -16.24 -2.81 7.92
N GLU A 150 -16.77 -1.61 7.84
CA GLU A 150 -18.09 -1.28 8.49
C GLU A 150 -18.75 -0.23 7.68
N ASP A 151 -20.06 -0.40 7.31
CA ASP A 151 -20.81 0.68 6.62
C ASP A 151 -20.19 1.31 5.38
N GLY A 152 -19.63 0.35 4.60
CA GLY A 152 -19.05 0.76 3.35
C GLY A 152 -17.68 1.47 3.50
N CYS A 153 -17.11 1.43 4.64
CA CYS A 153 -15.82 2.11 4.94
C CYS A 153 -14.80 1.08 5.44
N VAL A 154 -13.66 1.01 4.73
CA VAL A 154 -12.53 0.22 5.22
C VAL A 154 -11.65 1.06 6.03
N THR A 155 -11.48 0.72 7.31
CA THR A 155 -10.51 1.36 8.17
C THR A 155 -9.20 0.61 8.25
N SER A 156 -8.14 1.29 7.98
CA SER A 156 -6.77 0.75 8.15
C SER A 156 -6.16 1.26 9.39
N LYS A 157 -5.70 0.38 10.25
CA LYS A 157 -4.84 0.74 11.34
C LYS A 157 -3.47 0.21 11.14
N THR A 158 -2.56 1.09 10.96
CA THR A 158 -1.20 0.82 10.48
C THR A 158 -0.16 1.28 11.39
N THR A 159 0.94 0.52 11.54
CA THR A 159 2.12 0.99 12.25
C THR A 159 3.28 1.02 11.29
N LEU A 160 4.18 1.94 11.45
CA LEU A 160 5.33 2.05 10.58
C LEU A 160 6.51 2.19 11.45
N ASN A 161 7.62 1.47 11.12
CA ASN A 161 8.86 1.57 11.83
C ASN A 161 10.02 1.67 10.87
N ALA A 162 10.90 2.59 11.10
CA ALA A 162 12.00 2.92 10.09
C ALA A 162 13.13 3.34 10.93
N SER A 163 14.25 2.74 10.61
CA SER A 163 15.44 2.86 11.45
C SER A 163 16.65 2.88 10.53
N GLY A 164 17.68 3.66 10.88
CA GLY A 164 18.85 3.67 10.03
C GLY A 164 18.79 4.35 8.73
N PHE A 165 17.93 5.33 8.59
CA PHE A 165 17.92 6.11 7.43
C PHE A 165 18.93 7.15 7.39
N ASP A 166 19.34 7.45 6.19
CA ASP A 166 20.41 8.48 5.97
C ASP A 166 19.80 9.76 6.19
N PRO A 167 20.29 10.51 7.18
CA PRO A 167 19.65 11.83 7.38
C PRO A 167 19.85 12.80 6.28
N LYS A 168 20.79 12.54 5.38
CA LYS A 168 20.86 13.35 4.16
C LYS A 168 20.23 12.71 2.90
N GLY A 169 19.68 11.53 3.01
CA GLY A 169 19.04 10.87 1.90
C GLY A 169 17.72 11.51 1.51
N ALA A 170 17.19 11.03 0.38
CA ALA A 170 16.01 11.64 -0.19
C ALA A 170 14.74 11.39 0.71
N THR A 171 14.69 10.28 1.43
CA THR A 171 13.53 9.99 2.24
C THR A 171 13.39 11.07 3.32
N MET A 172 14.51 11.31 4.02
N MET A 172 14.48 11.33 4.06
CA MET A 172 14.51 12.22 5.16
CA MET A 172 14.35 12.29 5.16
C MET A 172 14.52 13.70 4.77
C MET A 172 14.46 13.75 4.74
N THR A 173 15.11 14.05 3.62
CA THR A 173 15.13 15.40 3.14
C THR A 173 14.00 15.73 2.29
N LYS A 174 13.12 14.76 2.01
CA LYS A 174 11.98 15.09 1.25
C LYS A 174 12.28 15.56 -0.11
N SER A 175 13.12 14.83 -0.80
CA SER A 175 13.59 15.20 -2.15
C SER A 175 12.96 14.41 -3.26
N PHE A 176 11.97 13.57 -3.00
CA PHE A 176 11.29 12.84 -4.03
C PHE A 176 10.12 13.62 -4.57
N VAL A 177 9.91 13.48 -5.86
CA VAL A 177 8.81 14.05 -6.62
C VAL A 177 7.66 13.08 -6.72
N LYS A 178 7.90 11.80 -7.06
CA LYS A 178 6.88 10.82 -7.32
C LYS A 178 7.52 9.42 -7.42
N GLN A 179 6.66 8.44 -7.41
CA GLN A 179 7.15 7.06 -7.69
C GLN A 179 6.48 6.65 -8.99
N LEU A 180 7.20 5.88 -9.82
CA LEU A 180 6.73 5.51 -11.13
C LEU A 180 5.80 4.30 -11.04
N PRO A 181 4.89 4.14 -11.97
CA PRO A 181 3.95 3.01 -11.98
C PRO A 181 4.72 1.68 -12.07
N ASN A 182 4.16 0.66 -11.48
CA ASN A 182 4.93 -0.63 -11.42
C ASN A 182 4.00 -1.80 -11.40
N GLU A 183 4.56 -2.99 -11.59
CA GLU A 183 3.74 -4.21 -11.64
C GLU A 183 4.11 -4.93 -10.32
N VAL A 184 3.16 -5.18 -9.46
CA VAL A 184 3.45 -5.95 -8.23
C VAL A 184 3.18 -7.44 -8.59
N LYS A 185 4.11 -8.31 -8.20
CA LYS A 185 3.93 -9.73 -8.49
C LYS A 185 3.25 -10.46 -7.28
N ILE A 186 2.19 -11.14 -7.48
CA ILE A 186 1.41 -11.73 -6.44
C ILE A 186 1.49 -13.29 -6.61
N THR A 187 1.98 -13.94 -5.58
CA THR A 187 2.03 -15.39 -5.60
C THR A 187 1.45 -16.01 -4.32
N PRO A 188 1.09 -17.30 -4.38
CA PRO A 188 0.64 -17.97 -3.17
C PRO A 188 1.76 -18.16 -2.23
N HIS A 189 1.47 -18.11 -0.94
CA HIS A 189 2.49 -18.11 0.05
C HIS A 189 2.04 -18.89 1.30
N GLY A 190 2.63 -20.11 1.46
CA GLY A 190 2.28 -20.94 2.56
C GLY A 190 0.97 -21.54 2.35
N PRO A 191 0.39 -22.17 3.40
CA PRO A 191 -0.88 -22.80 3.18
C PRO A 191 -2.10 -21.86 3.04
N ASN A 192 -1.92 -20.62 3.49
CA ASN A 192 -3.10 -19.79 3.52
C ASN A 192 -2.83 -18.30 3.11
N GLY A 193 -1.65 -17.91 2.71
CA GLY A 193 -1.36 -16.49 2.41
C GLY A 193 -1.01 -16.26 0.97
N ILE A 194 -0.68 -14.97 0.74
CA ILE A 194 -0.05 -14.53 -0.50
C ILE A 194 1.04 -13.64 -0.22
N ARG A 195 1.95 -13.49 -1.21
CA ARG A 195 3.11 -12.68 -1.11
C ARG A 195 3.05 -11.66 -2.30
N LEU A 196 3.45 -10.43 -2.04
CA LEU A 196 3.44 -9.35 -3.05
C LEU A 196 4.82 -8.78 -3.11
N THR A 197 5.43 -8.74 -4.30
CA THR A 197 6.71 -8.16 -4.43
C THR A 197 6.78 -7.09 -5.55
N SER A 198 7.60 -6.06 -5.34
CA SER A 198 7.75 -5.05 -6.38
C SER A 198 9.06 -4.41 -6.19
N THR A 199 9.55 -3.86 -7.27
CA THR A 199 10.71 -3.00 -7.24
C THR A 199 10.22 -1.68 -7.80
N VAL A 200 10.38 -0.62 -7.05
CA VAL A 200 9.79 0.67 -7.35
C VAL A 200 10.85 1.71 -7.59
N LEU A 201 10.61 2.48 -8.69
CA LEU A 201 11.50 3.57 -9.04
C LEU A 201 10.98 4.85 -8.43
N TYR A 202 11.74 5.52 -7.60
CA TYR A 202 11.40 6.76 -6.99
C TYR A 202 12.16 7.89 -7.66
N LEU A 203 11.44 8.93 -8.14
CA LEU A 203 12.05 10.02 -8.86
C LEU A 203 12.43 11.12 -7.96
N LYS A 204 13.68 11.56 -7.93
CA LYS A 204 14.14 12.61 -7.12
C LYS A 204 13.96 13.96 -7.95
N GLU A 205 14.03 15.04 -7.20
CA GLU A 205 13.88 16.41 -7.79
C GLU A 205 14.87 16.73 -8.88
N ASP A 206 16.07 16.13 -8.89
CA ASP A 206 17.02 16.22 -10.01
C ASP A 206 16.84 15.33 -11.18
N GLY A 207 15.77 14.56 -11.20
CA GLY A 207 15.37 13.76 -12.34
C GLY A 207 15.98 12.34 -12.44
N THR A 208 16.67 11.99 -11.45
CA THR A 208 17.33 10.62 -11.31
C THR A 208 16.57 9.80 -10.32
N ILE A 209 16.87 8.51 -10.40
CA ILE A 209 16.05 7.50 -9.75
C ILE A 209 16.76 6.92 -8.52
N GLN A 210 15.98 6.58 -7.52
CA GLN A 210 16.37 5.71 -6.41
C GLN A 210 15.45 4.53 -6.39
N ILE A 211 15.92 3.31 -6.06
CA ILE A 211 15.14 2.13 -6.06
C ILE A 211 14.68 1.75 -4.54
N GLY A 212 13.44 1.29 -4.51
CA GLY A 212 12.90 0.65 -3.26
C GLY A 212 12.52 -0.74 -3.64
N THR A 213 12.92 -1.69 -2.81
CA THR A 213 12.51 -3.05 -2.98
C THR A 213 11.47 -3.42 -1.95
N GLN A 214 10.36 -3.88 -2.40
CA GLN A 214 9.21 -4.03 -1.53
C GLN A 214 8.70 -5.47 -1.49
N ASP A 215 8.52 -6.01 -0.30
CA ASP A 215 8.06 -7.38 -0.15
C ASP A 215 6.95 -7.35 0.98
N CYS A 216 5.83 -7.92 0.69
CA CYS A 216 4.68 -7.92 1.58
C CYS A 216 4.15 -9.35 1.73
N ILE A 217 3.65 -9.70 2.94
CA ILE A 217 2.93 -10.90 3.16
C ILE A 217 1.52 -10.58 3.65
N VAL A 218 0.53 -11.18 3.06
CA VAL A 218 -0.87 -11.04 3.40
C VAL A 218 -1.30 -12.33 4.06
N THR A 219 -1.92 -12.16 5.22
CA THR A 219 -2.41 -13.34 6.03
C THR A 219 -3.85 -13.18 6.45
N PRO A 220 -4.74 -14.01 6.03
CA PRO A 220 -6.13 -14.00 6.50
C PRO A 220 -6.18 -14.08 8.00
N VAL A 221 -7.07 -13.32 8.63
CA VAL A 221 -7.15 -13.49 10.11
C VAL A 221 -8.47 -13.96 10.64
N GLY A 222 -9.20 -14.48 9.75
CA GLY A 222 -10.61 -14.76 9.92
C GLY A 222 -10.89 -16.23 10.39
N GLY A 223 -9.83 -17.00 10.75
CA GLY A 223 -9.90 -18.43 11.13
C GLY A 223 -10.44 -19.32 10.04
N ARG A 224 -10.32 -18.98 8.75
CA ARG A 224 -10.85 -19.84 7.72
C ARG A 224 -9.86 -19.77 6.55
N LYS A 225 -9.93 -20.83 5.78
CA LYS A 225 -9.10 -21.02 4.61
C LYS A 225 -9.71 -20.11 3.50
N VAL A 226 -8.87 -19.30 2.84
CA VAL A 226 -9.33 -18.47 1.73
C VAL A 226 -8.57 -19.00 0.53
N THR A 227 -9.30 -19.33 -0.52
CA THR A 227 -8.69 -19.92 -1.73
C THR A 227 -7.62 -18.99 -2.30
N GLN A 228 -6.44 -19.49 -2.58
CA GLN A 228 -5.35 -18.65 -3.10
C GLN A 228 -5.53 -18.41 -4.55
N PRO A 229 -5.09 -17.28 -5.06
CA PRO A 229 -5.14 -17.02 -6.46
C PRO A 229 -3.99 -17.75 -7.17
N LYS A 230 -4.17 -17.88 -8.47
CA LYS A 230 -2.99 -18.21 -9.35
C LYS A 230 -1.99 -17.02 -9.26
N ALA A 231 -0.76 -17.28 -9.54
CA ALA A 231 0.29 -16.22 -9.66
C ALA A 231 -0.17 -15.23 -10.74
N HIS A 232 -0.06 -13.94 -10.37
CA HIS A 232 -0.51 -12.85 -11.32
C HIS A 232 0.20 -11.60 -10.93
N PHE A 233 -0.18 -10.49 -11.66
CA PHE A 233 0.42 -9.22 -11.39
C PHE A 233 -0.68 -8.14 -11.18
N LEU A 234 -0.26 -7.11 -10.42
CA LEU A 234 -1.15 -5.96 -10.16
C LEU A 234 -0.43 -4.74 -10.61
N HIS A 235 -0.95 -4.11 -11.68
CA HIS A 235 -0.42 -2.85 -12.17
C HIS A 235 -0.91 -1.71 -11.28
N THR A 236 0.02 -0.97 -10.74
CA THR A 236 -0.31 0.02 -9.71
C THR A 236 0.31 1.37 -10.11
N GLN A 237 -0.44 2.46 -9.95
CA GLN A 237 0.07 3.82 -10.20
C GLN A 237 -0.41 4.68 -8.97
N ILE A 238 0.46 5.48 -8.39
CA ILE A 238 0.09 6.44 -7.39
C ILE A 238 0.31 7.83 -7.96
N ILE A 239 -0.66 8.72 -7.79
CA ILE A 239 -0.46 10.20 -8.11
C ILE A 239 -0.78 11.00 -6.89
N GLN A 240 0.07 11.95 -6.50
CA GLN A 240 -0.16 12.71 -5.32
C GLN A 240 -0.29 14.20 -5.73
N LYS A 241 -1.10 14.86 -5.02
CA LYS A 241 -1.23 16.37 -5.11
C LYS A 241 -1.57 16.92 -3.79
N LYS A 242 -1.47 18.26 -3.69
CA LYS A 242 -1.86 18.99 -2.50
C LYS A 242 -3.25 19.61 -2.62
N ASP A 243 -3.95 19.75 -1.55
CA ASP A 243 -5.27 20.41 -1.50
C ASP A 243 -4.89 21.93 -1.54
N PRO A 244 -5.70 22.72 -2.27
CA PRO A 244 -5.45 24.18 -2.44
C PRO A 244 -5.41 24.90 -1.06
N ASN A 245 -6.18 24.45 -0.07
CA ASN A 245 -6.47 25.17 1.16
C ASN A 245 -6.07 24.59 2.46
N ASP A 246 -5.89 23.27 2.54
CA ASP A 246 -5.63 22.60 3.77
C ASP A 246 -4.39 23.15 4.42
N THR A 247 -4.50 23.43 5.71
CA THR A 247 -3.44 24.04 6.45
C THR A 247 -2.44 23.02 7.04
N ARG A 248 -2.87 21.76 7.01
CA ARG A 248 -2.01 20.69 7.64
C ARG A 248 -0.93 20.24 6.65
N ASP A 249 0.10 19.59 7.15
CA ASP A 249 1.05 18.89 6.25
C ASP A 249 0.23 17.66 5.75
N HIS A 250 -0.02 17.49 4.48
CA HIS A 250 -0.98 16.53 4.02
C HIS A 250 -0.64 16.08 2.61
N ILE A 251 -1.38 15.07 2.14
CA ILE A 251 -1.34 14.72 0.73
C ILE A 251 -2.66 14.27 0.34
N VAL A 252 -2.97 14.46 -0.95
CA VAL A 252 -4.16 13.91 -1.57
C VAL A 252 -3.70 12.96 -2.60
N GLN A 253 -3.91 11.65 -2.37
CA GLN A 253 -3.24 10.58 -3.21
C GLN A 253 -4.32 9.80 -3.89
N THR A 254 -4.14 9.38 -5.13
CA THR A 254 -5.04 8.42 -5.83
C THR A 254 -4.17 7.24 -6.30
N GLU A 255 -4.73 6.06 -6.11
CA GLU A 255 -4.12 4.85 -6.62
C GLU A 255 -5.01 4.29 -7.66
N LEU A 256 -4.45 3.80 -8.78
CA LEU A 256 -5.18 3.03 -9.69
C LEU A 256 -4.51 1.62 -9.63
N ALA A 257 -5.29 0.56 -9.45
CA ALA A 257 -4.70 -0.75 -9.29
C ALA A 257 -5.55 -1.74 -9.99
N VAL A 258 -4.95 -2.46 -11.00
CA VAL A 258 -5.66 -3.36 -11.90
C VAL A 258 -4.86 -4.70 -11.94
N ALA A 259 -5.51 -5.81 -11.63
CA ALA A 259 -4.89 -7.13 -11.75
C ALA A 259 -4.98 -7.67 -13.09
N GLY A 260 -4.02 -8.51 -13.46
CA GLY A 260 -4.05 -9.18 -14.74
C GLY A 260 -3.07 -10.40 -14.73
N ASN A 261 -3.37 -11.32 -15.56
CA ASN A 261 -2.45 -12.49 -15.73
C ASN A 261 -1.45 -12.14 -16.81
N LEU A 262 -0.51 -11.34 -16.49
CA LEU A 262 0.38 -10.71 -17.42
C LEU A 262 1.31 -11.77 -18.05
N TRP A 263 1.70 -12.78 -17.25
CA TRP A 263 2.57 -13.89 -17.76
C TRP A 263 1.88 -15.23 -17.45
N HIS A 264 1.19 -15.78 -18.39
CA HIS A 264 0.34 -16.94 -18.18
C HIS A 264 1.12 -18.17 -17.67
N GLY A 265 2.42 -18.19 -18.02
CA GLY A 265 3.26 -19.34 -17.57
C GLY A 265 3.69 -19.22 -16.10
N MET A 266 3.52 -18.08 -15.45
CA MET A 266 4.11 -17.83 -14.13
C MET A 266 3.57 -18.78 -13.10
N ASP A 267 2.31 -19.08 -13.20
CA ASP A 267 1.60 -19.84 -12.13
C ASP A 267 2.18 -21.31 -11.92
N GLU A 268 2.78 -21.75 -13.02
CA GLU A 268 3.45 -23.14 -13.02
C GLU A 268 4.59 -23.16 -12.08
N LEU A 269 5.25 -22.05 -11.79
CA LEU A 269 6.39 -22.00 -11.00
C LEU A 269 6.07 -22.00 -9.44
N TYR A 270 4.83 -21.92 -9.07
CA TYR A 270 4.42 -21.65 -7.62
C TYR A 270 3.48 -22.72 -7.20
N LYS A 271 4.02 -23.69 -6.39
CA LYS A 271 3.19 -24.74 -5.90
C LYS A 271 2.79 -24.57 -4.40
P PO4 B . -6.66 -11.64 -17.50
O1 PO4 B . -6.99 -12.05 -16.03
O2 PO4 B . -6.70 -13.08 -18.18
O3 PO4 B . -5.30 -11.03 -17.64
O4 PO4 B . -7.79 -10.64 -18.03
C1 GOL C . 8.11 -24.87 -4.33
O1 GOL C . 8.94 -25.68 -5.18
C2 GOL C . 7.81 -23.59 -5.19
O2 GOL C . 6.93 -23.86 -6.27
C3 GOL C . 7.05 -22.73 -4.17
O3 GOL C . 6.60 -21.36 -4.65
CL CL D . 7.32 15.19 0.67
CL CL E . -7.09 -17.35 -9.56
CL CL F . 2.44 -3.96 -1.89
#